data_3PH9
#
_entry.id   3PH9
#
_cell.length_a   33.290
_cell.length_b   71.450
_cell.length_c   59.810
_cell.angle_alpha   90.00
_cell.angle_beta   97.72
_cell.angle_gamma   90.00
#
_symmetry.space_group_name_H-M   'P 1 21 1'
#
loop_
_entity.id
_entity.type
_entity.pdbx_description
1 polymer 'Anterior gradient protein 3 homolog'
2 water water
#
_entity_poly.entity_id   1
_entity_poly.type   'polypeptide(L)'
_entity_poly.pdbx_seq_one_letter_code
;MHHHHHHMIKKEKRPPQTLSRGWGDDITWVQTYEEGLFYAQKSKKPLMVIHHLEDCQYSQALKKVFAQNEEIQEMAQNKF
IMLNLMHETTDKNLSPDGQYVPRIMFVDPSLTVRADIAGRYSNRLYTYEPRDLPLLIENMKKALRLIQSEL
;
_entity_poly.pdbx_strand_id   A,B
#
# COMPACT_ATOMS: atom_id res chain seq x y z
N PRO A 16 -10.39 12.42 2.27
CA PRO A 16 -10.28 11.56 1.08
C PRO A 16 -8.84 11.07 0.85
N GLN A 17 -8.56 9.82 1.20
CA GLN A 17 -7.20 9.27 1.16
C GLN A 17 -6.61 9.28 -0.24
N THR A 18 -5.47 9.97 -0.40
CA THR A 18 -4.70 9.93 -1.65
C THR A 18 -3.45 9.12 -1.43
N LEU A 19 -2.87 8.60 -2.50
CA LEU A 19 -1.62 7.88 -2.37
C LEU A 19 -0.45 8.85 -2.22
N SER A 20 -0.56 10.05 -2.79
CA SER A 20 0.55 11.00 -2.70
C SER A 20 0.71 11.62 -1.30
N ARG A 21 -0.40 11.83 -0.60
CA ARG A 21 -0.37 12.37 0.76
C ARG A 21 0.46 13.64 0.87
N GLY A 22 0.41 14.47 -0.16
CA GLY A 22 1.15 15.73 -0.19
C GLY A 22 2.59 15.74 -0.70
N TRP A 23 3.16 14.58 -1.04
CA TRP A 23 4.56 14.50 -1.54
C TRP A 23 4.78 14.81 -3.03
N GLY A 24 3.68 14.97 -3.76
CA GLY A 24 3.72 15.22 -5.20
C GLY A 24 2.57 14.55 -5.93
N ASP A 25 1.54 15.31 -6.32
CA ASP A 25 0.36 14.71 -6.97
C ASP A 25 0.64 14.21 -8.41
N ASP A 26 1.71 14.67 -9.06
CA ASP A 26 2.05 14.25 -10.43
C ASP A 26 3.02 13.07 -10.45
N ILE A 27 3.45 12.61 -9.28
CA ILE A 27 4.22 11.37 -9.21
C ILE A 27 3.23 10.22 -9.32
N THR A 28 3.64 9.16 -9.99
CA THR A 28 2.82 7.93 -10.02
C THR A 28 3.43 7.03 -8.95
N TRP A 29 2.74 6.96 -7.83
CA TRP A 29 3.20 6.29 -6.63
C TRP A 29 2.83 4.80 -6.72
N VAL A 30 3.74 3.93 -6.28
CA VAL A 30 3.36 2.55 -6.02
C VAL A 30 2.71 2.52 -4.65
N GLN A 31 1.98 1.44 -4.38
CA GLN A 31 1.21 1.34 -3.14
C GLN A 31 1.97 0.56 -2.04
N THR A 32 2.76 -0.41 -2.45
CA THR A 32 3.41 -1.29 -1.49
C THR A 32 4.91 -1.40 -1.75
N TYR A 33 5.61 -1.86 -0.72
CA TYR A 33 7.03 -2.09 -0.82
C TYR A 33 7.34 -3.16 -1.88
N GLU A 34 6.60 -4.26 -1.86
CA GLU A 34 6.85 -5.34 -2.81
C GLU A 34 6.64 -4.88 -4.27
N GLU A 35 5.63 -4.04 -4.50
CA GLU A 35 5.42 -3.45 -5.82
C GLU A 35 6.60 -2.55 -6.20
N GLY A 36 7.02 -1.70 -5.25
CA GLY A 36 8.19 -0.85 -5.42
C GLY A 36 9.41 -1.66 -5.84
N LEU A 37 9.69 -2.75 -5.13
CA LEU A 37 10.85 -3.58 -5.47
C LEU A 37 10.72 -4.22 -6.85
N PHE A 38 9.51 -4.67 -7.16
CA PHE A 38 9.25 -5.29 -8.46
C PHE A 38 9.61 -4.34 -9.59
N TYR A 39 9.08 -3.12 -9.56
CA TYR A 39 9.35 -2.13 -10.60
C TYR A 39 10.76 -1.57 -10.58
N ALA A 40 11.34 -1.43 -9.39
CA ALA A 40 12.74 -0.98 -9.30
C ALA A 40 13.68 -1.91 -10.04
N GLN A 41 13.56 -3.20 -9.78
CA GLN A 41 14.44 -4.16 -10.41
C GLN A 41 14.16 -4.24 -11.94
N LYS A 42 12.90 -4.27 -12.35
CA LYS A 42 12.54 -4.38 -13.78
C LYS A 42 12.97 -3.17 -14.60
N SER A 43 12.73 -1.99 -14.04
CA SER A 43 13.02 -0.74 -14.76
C SER A 43 14.42 -0.21 -14.50
N LYS A 44 15.16 -0.90 -13.62
CA LYS A 44 16.51 -0.51 -13.25
C LYS A 44 16.58 0.92 -12.72
N LYS A 45 15.65 1.23 -11.82
CA LYS A 45 15.54 2.53 -11.15
C LYS A 45 15.60 2.28 -9.64
N PRO A 46 16.23 3.18 -8.85
CA PRO A 46 16.14 3.02 -7.42
C PRO A 46 14.72 3.24 -6.95
N LEU A 47 14.40 2.66 -5.79
CA LEU A 47 13.16 2.95 -5.08
C LEU A 47 13.39 3.95 -3.95
N MET A 48 12.53 4.97 -3.89
CA MET A 48 12.58 5.94 -2.83
C MET A 48 11.41 5.69 -1.90
N VAL A 49 11.70 5.45 -0.62
CA VAL A 49 10.69 5.08 0.36
C VAL A 49 10.68 6.20 1.38
N ILE A 50 9.57 6.91 1.42
CA ILE A 50 9.42 8.08 2.29
C ILE A 50 8.46 7.70 3.41
N HIS A 51 9.01 7.62 4.63
CA HIS A 51 8.25 7.27 5.81
C HIS A 51 7.87 8.56 6.51
N HIS A 52 6.61 8.70 6.87
CA HIS A 52 6.11 9.95 7.46
C HIS A 52 4.82 9.73 8.24
N LEU A 53 4.36 10.78 8.90
CA LEU A 53 3.08 10.74 9.64
C LEU A 53 2.35 12.03 9.37
N GLU A 54 1.01 11.99 9.39
CA GLU A 54 0.24 13.15 8.96
C GLU A 54 0.25 14.20 10.09
N ASP A 55 0.26 13.74 11.34
CA ASP A 55 0.27 14.64 12.50
C ASP A 55 1.69 14.99 12.97
N CYS A 56 2.65 15.02 12.04
CA CYS A 56 4.04 15.32 12.38
C CYS A 56 4.40 16.61 11.65
N GLN A 57 4.65 17.68 12.42
CA GLN A 57 5.03 19.00 11.85
C GLN A 57 6.22 18.92 10.90
N TYR A 58 7.23 18.16 11.31
CA TYR A 58 8.43 17.99 10.50
C TYR A 58 8.17 17.25 9.17
N SER A 59 7.35 16.20 9.22
CA SER A 59 6.84 15.55 8.02
C SER A 59 6.07 16.54 7.14
N GLN A 60 5.18 17.32 7.74
CA GLN A 60 4.38 18.31 6.94
C GLN A 60 5.26 19.37 6.28
N ALA A 61 6.22 19.88 7.02
CA ALA A 61 7.10 20.93 6.51
C ALA A 61 7.97 20.42 5.37
N LEU A 62 8.55 19.22 5.54
CA LEU A 62 9.37 18.64 4.47
C LEU A 62 8.54 18.35 3.21
N LYS A 63 7.34 17.81 3.36
CA LYS A 63 6.63 17.38 2.15
C LYS A 63 6.16 18.57 1.35
N LYS A 64 5.84 19.66 2.05
CA LYS A 64 5.44 20.92 1.37
C LYS A 64 6.55 21.43 0.45
N VAL A 65 7.80 21.41 0.91
CA VAL A 65 8.90 21.85 0.05
C VAL A 65 9.30 20.79 -0.99
N PHE A 66 9.15 19.51 -0.64
CA PHE A 66 9.42 18.40 -1.54
C PHE A 66 8.46 18.42 -2.75
N ALA A 67 7.18 18.56 -2.47
CA ALA A 67 6.15 18.67 -3.49
C ALA A 67 6.40 19.78 -4.52
N GLN A 68 7.02 20.88 -4.09
CA GLN A 68 7.11 22.10 -4.90
C GLN A 68 8.50 22.29 -5.55
N ASN A 69 9.43 21.39 -5.25
CA ASN A 69 10.77 21.49 -5.79
C ASN A 69 10.83 20.86 -7.17
N GLU A 70 11.15 21.66 -8.18
CA GLU A 70 11.15 21.18 -9.58
C GLU A 70 12.14 20.05 -9.86
N GLU A 71 13.37 20.19 -9.38
CA GLU A 71 14.43 19.23 -9.71
C GLU A 71 14.12 17.87 -9.06
N ILE A 72 13.63 17.92 -7.81
CA ILE A 72 13.23 16.73 -7.06
C ILE A 72 12.07 16.02 -7.76
N GLN A 73 11.08 16.80 -8.15
CA GLN A 73 9.90 16.23 -8.84
C GLN A 73 10.21 15.60 -10.20
N GLU A 74 11.12 16.19 -10.97
CA GLU A 74 11.54 15.61 -12.25
C GLU A 74 12.23 14.26 -12.05
N MET A 75 13.18 14.19 -11.10
CA MET A 75 13.80 12.90 -10.75
C MET A 75 12.78 11.89 -10.25
N ALA A 76 11.88 12.32 -9.37
CA ALA A 76 10.92 11.42 -8.73
C ALA A 76 10.01 10.77 -9.80
N GLN A 77 9.63 11.59 -10.78
CA GLN A 77 8.70 11.18 -11.83
C GLN A 77 9.34 10.23 -12.83
N ASN A 78 10.59 10.52 -13.20
CA ASN A 78 11.21 9.89 -14.34
C ASN A 78 12.42 9.00 -14.07
N LYS A 79 13.00 9.09 -12.88
CA LYS A 79 14.20 8.33 -12.61
C LYS A 79 14.08 7.38 -11.42
N PHE A 80 13.01 7.51 -10.61
CA PHE A 80 12.80 6.70 -9.44
C PHE A 80 11.46 5.97 -9.47
N ILE A 81 11.39 4.89 -8.69
CA ILE A 81 10.13 4.30 -8.29
C ILE A 81 9.86 4.95 -6.93
N MET A 82 8.62 5.37 -6.70
CA MET A 82 8.29 6.23 -5.55
C MET A 82 7.24 5.61 -4.65
N LEU A 83 7.55 5.54 -3.35
CA LEU A 83 6.62 5.00 -2.35
C LEU A 83 6.65 5.87 -1.09
N ASN A 84 5.48 6.19 -0.55
CA ASN A 84 5.43 6.82 0.76
C ASN A 84 4.46 6.05 1.67
N LEU A 85 4.85 5.90 2.94
CA LEU A 85 4.18 5.02 3.89
C LEU A 85 4.00 5.74 5.20
N MET A 86 2.90 5.43 5.91
CA MET A 86 2.75 5.93 7.27
C MET A 86 2.67 4.79 8.29
N HIS A 87 3.06 3.60 7.85
CA HIS A 87 3.14 2.40 8.68
C HIS A 87 4.40 1.66 8.21
N GLU A 88 5.13 1.04 9.15
CA GLU A 88 6.40 0.37 8.82
C GLU A 88 6.22 -0.89 7.97
N THR A 89 7.19 -1.12 7.08
CA THR A 89 7.21 -2.32 6.24
C THR A 89 7.70 -3.46 7.11
N THR A 90 7.81 -4.66 6.51
CA THR A 90 8.37 -5.82 7.20
C THR A 90 9.90 -5.89 7.12
N ASP A 91 10.54 -4.91 6.49
CA ASP A 91 12.00 -4.96 6.25
C ASP A 91 12.74 -4.09 7.28
N LYS A 92 13.42 -4.73 8.23
CA LYS A 92 14.18 -4.00 9.24
C LYS A 92 15.34 -3.24 8.61
N ASN A 93 15.74 -3.61 7.40
CA ASN A 93 16.77 -2.84 6.67
C ASN A 93 16.32 -1.41 6.30
N LEU A 94 15.02 -1.13 6.35
CA LEU A 94 14.53 0.23 6.11
C LEU A 94 14.45 1.08 7.36
N SER A 95 14.83 0.53 8.50
CA SER A 95 14.92 1.33 9.73
C SER A 95 16.15 0.95 10.57
N PRO A 96 17.35 0.99 9.97
CA PRO A 96 18.54 0.52 10.67
C PRO A 96 18.96 1.35 11.86
N ASP A 97 18.52 2.61 11.96
CA ASP A 97 18.78 3.39 13.17
C ASP A 97 17.53 4.03 13.75
N GLY A 98 16.40 3.32 13.60
CA GLY A 98 15.19 3.65 14.33
C GLY A 98 14.05 3.98 13.40
N GLN A 99 12.83 4.07 13.96
CA GLN A 99 11.63 4.29 13.18
C GLN A 99 11.07 5.70 13.29
N TYR A 100 11.95 6.65 13.51
CA TYR A 100 11.60 8.07 13.45
C TYR A 100 11.12 8.45 12.05
N VAL A 101 10.44 9.59 11.98
CA VAL A 101 9.95 10.16 10.74
C VAL A 101 10.11 11.68 10.79
N PRO A 102 10.18 12.33 9.61
CA PRO A 102 10.30 11.73 8.29
C PRO A 102 11.62 10.99 8.06
N ARG A 103 11.55 9.93 7.27
CA ARG A 103 12.68 9.04 7.06
C ARG A 103 12.66 8.63 5.60
N ILE A 104 13.69 9.01 4.85
CA ILE A 104 13.78 8.71 3.43
C ILE A 104 14.92 7.71 3.14
N MET A 105 14.55 6.52 2.68
CA MET A 105 15.50 5.47 2.39
C MET A 105 15.50 5.27 0.88
N PHE A 106 16.67 4.92 0.36
CA PHE A 106 16.81 4.58 -1.06
C PHE A 106 17.10 3.09 -1.16
N VAL A 107 16.45 2.40 -2.09
CA VAL A 107 16.76 0.98 -2.36
C VAL A 107 17.27 0.85 -3.81
N ASP A 108 18.47 0.25 -3.96
CA ASP A 108 19.08 0.03 -5.28
C ASP A 108 18.24 -1.01 -6.03
N PRO A 109 18.25 -1.02 -7.39
CA PRO A 109 17.49 -1.99 -8.19
C PRO A 109 17.89 -3.45 -7.96
N SER A 110 19.10 -3.65 -7.42
CA SER A 110 19.57 -4.96 -6.97
C SER A 110 18.84 -5.47 -5.75
N LEU A 111 17.94 -4.64 -5.20
CA LEU A 111 17.14 -4.87 -3.99
C LEU A 111 17.89 -4.53 -2.68
N THR A 112 19.11 -4.02 -2.77
CA THR A 112 19.91 -3.69 -1.60
C THR A 112 19.61 -2.26 -1.12
N VAL A 113 19.26 -2.13 0.16
CA VAL A 113 19.02 -0.81 0.76
C VAL A 113 20.32 -0.02 0.85
N ARG A 114 20.29 1.24 0.42
CA ARG A 114 21.48 2.09 0.43
C ARG A 114 21.61 2.77 1.79
N ALA A 115 22.14 2.03 2.76
CA ALA A 115 22.33 2.57 4.08
C ALA A 115 23.45 3.64 4.07
N ASP A 116 24.25 3.69 2.99
CA ASP A 116 25.30 4.69 2.82
C ASP A 116 24.79 6.07 2.35
N ILE A 117 23.51 6.18 2.02
CA ILE A 117 22.94 7.41 1.55
C ILE A 117 22.19 8.03 2.72
N ALA A 118 22.85 8.94 3.41
CA ALA A 118 22.38 9.44 4.69
C ALA A 118 22.42 10.96 4.70
N GLY A 119 21.55 11.55 5.53
CA GLY A 119 21.51 12.99 5.70
C GLY A 119 22.54 13.52 6.68
N ARG A 120 22.28 14.68 7.26
CA ARG A 120 23.33 15.34 8.03
C ARG A 120 23.43 14.91 9.49
N TYR A 121 22.40 14.26 10.03
CA TYR A 121 22.34 13.94 11.47
C TYR A 121 22.85 12.53 11.77
N SER A 122 23.94 12.43 12.54
CA SER A 122 24.62 11.14 12.72
C SER A 122 23.79 10.10 13.47
N ASN A 123 22.92 10.54 14.38
CA ASN A 123 22.04 9.59 15.06
C ASN A 123 20.59 9.59 14.57
N ARG A 124 20.36 10.22 13.41
CA ARG A 124 19.08 10.15 12.66
C ARG A 124 19.41 10.21 11.18
N LEU A 125 20.03 9.15 10.69
CA LEU A 125 20.79 9.19 9.45
C LEU A 125 19.96 9.42 8.20
N TYR A 126 18.65 9.16 8.29
CA TYR A 126 17.81 9.18 7.10
C TYR A 126 16.71 10.21 7.19
N THR A 127 16.81 11.10 8.18
CA THR A 127 15.90 12.24 8.23
C THR A 127 16.48 13.47 7.51
N TYR A 128 15.55 14.33 7.11
CA TYR A 128 15.82 15.57 6.41
C TYR A 128 14.83 16.61 6.92
N GLU A 129 15.30 17.84 7.06
CA GLU A 129 14.45 18.97 7.32
C GLU A 129 14.42 19.85 6.05
N PRO A 130 13.56 20.88 6.03
CA PRO A 130 13.54 21.72 4.82
C PRO A 130 14.89 22.28 4.42
N ARG A 131 15.74 22.60 5.38
CA ARG A 131 17.03 23.21 5.06
C ARG A 131 18.02 22.23 4.46
N ASP A 132 17.64 20.97 4.38
CA ASP A 132 18.51 19.95 3.82
C ASP A 132 18.19 19.61 2.38
N LEU A 133 17.45 20.46 1.67
CA LEU A 133 17.04 20.10 0.30
C LEU A 133 18.19 19.93 -0.68
N PRO A 134 19.24 20.79 -0.60
CA PRO A 134 20.40 20.54 -1.47
C PRO A 134 21.06 19.18 -1.25
N LEU A 135 21.16 18.76 0.01
CA LEU A 135 21.69 17.44 0.37
C LEU A 135 20.76 16.29 -0.10
N LEU A 136 19.46 16.46 0.03
CA LEU A 136 18.51 15.41 -0.45
C LEU A 136 18.61 15.25 -1.96
N ILE A 137 18.69 16.37 -2.67
CA ILE A 137 18.93 16.36 -4.11
C ILE A 137 20.24 15.64 -4.46
N GLU A 138 21.31 15.95 -3.74
CA GLU A 138 22.57 15.26 -3.99
C GLU A 138 22.46 13.77 -3.67
N ASN A 139 21.77 13.39 -2.60
CA ASN A 139 21.60 11.98 -2.27
C ASN A 139 20.73 11.20 -3.28
N MET A 140 19.72 11.86 -3.86
CA MET A 140 18.93 11.25 -4.92
C MET A 140 19.87 10.92 -6.09
N LYS A 141 20.73 11.87 -6.43
CA LYS A 141 21.74 11.65 -7.46
C LYS A 141 22.72 10.51 -7.12
N LYS A 142 23.09 10.40 -5.84
CA LYS A 142 23.95 9.33 -5.34
C LYS A 142 23.26 7.98 -5.54
N ALA A 143 21.95 7.95 -5.31
CA ALA A 143 21.17 6.74 -5.48
C ALA A 143 21.07 6.33 -6.94
N LEU A 144 21.08 7.31 -7.85
CA LEU A 144 21.10 7.06 -9.29
C LEU A 144 22.43 6.48 -9.82
N ARG A 145 23.51 6.65 -9.06
CA ARG A 145 24.77 5.95 -9.35
C ARG A 145 24.66 4.60 -8.70
N LEU A 146 24.12 3.66 -9.47
CA LEU A 146 23.71 2.35 -8.95
C LEU A 146 24.90 1.60 -8.37
N ILE A 147 24.64 0.63 -7.52
CA ILE A 147 25.68 -0.16 -6.90
C ILE A 147 26.70 -0.70 -7.93
N GLN A 148 26.27 -0.95 -9.16
CA GLN A 148 27.25 -0.99 -10.28
C GLN A 148 27.02 0.13 -11.28
N PRO B 16 -5.14 12.97 -9.28
CA PRO B 16 -4.30 12.26 -8.28
C PRO B 16 -4.83 10.87 -7.90
N GLN B 17 -3.92 9.92 -7.73
CA GLN B 17 -4.29 8.59 -7.28
C GLN B 17 -4.98 8.62 -5.90
N THR B 18 -6.09 7.91 -5.77
CA THR B 18 -6.77 7.77 -4.48
C THR B 18 -6.48 6.39 -3.96
N LEU B 19 -6.66 6.19 -2.66
CA LEU B 19 -6.49 4.84 -2.10
C LEU B 19 -7.74 3.98 -2.30
N SER B 20 -8.93 4.58 -2.27
CA SER B 20 -10.17 3.81 -2.36
C SER B 20 -10.43 3.25 -3.76
N ARG B 21 -9.97 3.95 -4.80
CA ARG B 21 -10.11 3.53 -6.21
C ARG B 21 -11.54 3.09 -6.56
N GLY B 22 -12.50 3.80 -6.00
CA GLY B 22 -13.90 3.56 -6.30
C GLY B 22 -14.63 2.53 -5.46
N TRP B 23 -13.97 1.91 -4.48
CA TRP B 23 -14.56 0.84 -3.66
C TRP B 23 -15.23 1.35 -2.38
N GLY B 24 -15.16 2.65 -2.13
CA GLY B 24 -15.81 3.24 -0.96
C GLY B 24 -14.97 4.36 -0.40
N ASP B 25 -15.38 5.60 -0.66
CA ASP B 25 -14.61 6.75 -0.18
C ASP B 25 -14.64 6.93 1.35
N ASP B 26 -15.69 6.46 2.02
CA ASP B 26 -15.83 6.67 3.47
C ASP B 26 -15.22 5.54 4.27
N ILE B 27 -14.62 4.57 3.59
CA ILE B 27 -13.80 3.55 4.23
C ILE B 27 -12.43 4.14 4.47
N THR B 28 -11.82 3.80 5.60
CA THR B 28 -10.44 4.24 5.84
C THR B 28 -9.60 3.00 5.51
N TRP B 29 -9.01 3.01 4.31
CA TRP B 29 -8.27 1.87 3.75
C TRP B 29 -6.89 1.79 4.38
N VAL B 30 -6.38 0.59 4.65
CA VAL B 30 -4.96 0.39 4.95
C VAL B 30 -4.22 0.40 3.62
N GLN B 31 -2.93 0.67 3.64
CA GLN B 31 -2.13 0.75 2.40
C GLN B 31 -1.47 -0.58 1.99
N THR B 32 -1.01 -1.33 2.98
CA THR B 32 -0.27 -2.57 2.71
C THR B 32 -0.91 -3.79 3.36
N TYR B 33 -0.54 -4.95 2.86
CA TYR B 33 -0.98 -6.22 3.44
C TYR B 33 -0.49 -6.35 4.87
N GLU B 34 0.77 -6.01 5.11
CA GLU B 34 1.35 -6.11 6.47
C GLU B 34 0.64 -5.18 7.48
N GLU B 35 0.29 -3.98 7.05
CA GLU B 35 -0.50 -3.07 7.88
C GLU B 35 -1.88 -3.65 8.13
N GLY B 36 -2.49 -4.22 7.10
CA GLY B 36 -3.80 -4.83 7.26
C GLY B 36 -3.81 -5.94 8.28
N LEU B 37 -2.80 -6.81 8.22
CA LEU B 37 -2.68 -7.94 9.14
C LEU B 37 -2.43 -7.43 10.55
N PHE B 38 -1.57 -6.42 10.68
CA PHE B 38 -1.32 -5.81 11.98
C PHE B 38 -2.62 -5.38 12.65
N TYR B 39 -3.46 -4.64 11.91
CA TYR B 39 -4.73 -4.16 12.45
C TYR B 39 -5.82 -5.25 12.63
N ALA B 40 -5.88 -6.21 11.73
CA ALA B 40 -6.79 -7.34 11.89
C ALA B 40 -6.54 -8.09 13.20
N GLN B 41 -5.28 -8.39 13.50
CA GLN B 41 -4.88 -9.04 14.75
C GLN B 41 -5.20 -8.18 15.97
N LYS B 42 -4.80 -6.92 15.91
CA LYS B 42 -5.02 -6.00 17.02
C LYS B 42 -6.51 -5.82 17.34
N SER B 43 -7.29 -5.51 16.31
CA SER B 43 -8.71 -5.18 16.50
C SER B 43 -9.65 -6.42 16.52
N LYS B 44 -9.08 -7.59 16.24
CA LYS B 44 -9.81 -8.85 16.12
C LYS B 44 -10.90 -8.70 15.07
N LYS B 45 -10.50 -8.18 13.90
CA LYS B 45 -11.38 -8.02 12.75
C LYS B 45 -10.76 -8.79 11.58
N PRO B 46 -11.58 -9.41 10.73
CA PRO B 46 -11.00 -9.96 9.50
C PRO B 46 -10.53 -8.84 8.60
N LEU B 47 -9.55 -9.19 7.77
CA LEU B 47 -9.03 -8.34 6.72
C LEU B 47 -9.65 -8.77 5.40
N MET B 48 -10.17 -7.79 4.70
CA MET B 48 -10.81 -8.02 3.41
C MET B 48 -9.83 -7.47 2.40
N VAL B 49 -9.39 -8.34 1.50
CA VAL B 49 -8.43 -7.95 0.48
C VAL B 49 -9.06 -8.00 -0.92
N ILE B 50 -9.21 -6.84 -1.55
CA ILE B 50 -9.87 -6.72 -2.86
C ILE B 50 -8.82 -6.50 -3.90
N HIS B 51 -8.58 -7.53 -4.72
CA HIS B 51 -7.63 -7.44 -5.84
C HIS B 51 -8.38 -7.04 -7.12
N HIS B 52 -7.94 -5.98 -7.79
CA HIS B 52 -8.62 -5.49 -8.99
C HIS B 52 -7.67 -4.81 -9.97
N LEU B 53 -8.22 -4.37 -11.10
CA LEU B 53 -7.49 -3.53 -12.04
C LEU B 53 -8.40 -2.42 -12.54
N GLU B 54 -7.81 -1.27 -12.87
CA GLU B 54 -8.61 -0.12 -13.33
C GLU B 54 -9.29 -0.33 -14.68
N ASP B 55 -8.60 -1.00 -15.59
CA ASP B 55 -9.15 -1.20 -16.94
C ASP B 55 -9.95 -2.52 -17.08
N CYS B 56 -10.32 -3.13 -15.98
CA CYS B 56 -11.05 -4.38 -16.00
C CYS B 56 -12.55 -4.03 -15.88
N GLN B 57 -13.35 -4.34 -16.89
CA GLN B 57 -14.78 -3.95 -16.87
C GLN B 57 -15.51 -4.64 -15.73
N TYR B 58 -15.12 -5.86 -15.41
CA TYR B 58 -15.78 -6.60 -14.36
C TYR B 58 -15.44 -6.04 -12.99
N SER B 59 -14.19 -5.62 -12.81
CA SER B 59 -13.78 -4.90 -11.60
C SER B 59 -14.63 -3.64 -11.47
N GLN B 60 -14.76 -2.89 -12.58
CA GLN B 60 -15.46 -1.62 -12.58
C GLN B 60 -16.94 -1.83 -12.24
N ALA B 61 -17.55 -2.86 -12.81
CA ALA B 61 -18.97 -3.13 -12.58
C ALA B 61 -19.27 -3.55 -11.15
N LEU B 62 -18.38 -4.36 -10.58
CA LEU B 62 -18.58 -4.83 -9.21
C LEU B 62 -18.34 -3.68 -8.21
N LYS B 63 -17.32 -2.87 -8.43
CA LYS B 63 -17.03 -1.83 -7.44
C LYS B 63 -18.09 -0.75 -7.47
N LYS B 64 -18.76 -0.57 -8.61
CA LYS B 64 -19.83 0.41 -8.70
C LYS B 64 -20.97 0.13 -7.72
N VAL B 65 -21.36 -1.15 -7.59
CA VAL B 65 -22.37 -1.56 -6.61
C VAL B 65 -21.81 -1.72 -5.18
N PHE B 66 -20.58 -2.23 -5.07
CA PHE B 66 -19.93 -2.42 -3.75
C PHE B 66 -19.85 -1.11 -2.98
N ALA B 67 -19.41 -0.06 -3.67
CA ALA B 67 -19.35 1.29 -3.08
C ALA B 67 -20.70 1.85 -2.61
N GLN B 68 -21.79 1.49 -3.27
CA GLN B 68 -23.09 2.10 -2.98
C GLN B 68 -23.95 1.33 -2.00
N ASN B 69 -23.70 0.03 -1.84
CA ASN B 69 -24.54 -0.80 -0.97
C ASN B 69 -24.21 -0.45 0.50
N GLU B 70 -25.20 0.00 1.26
CA GLU B 70 -24.97 0.53 2.59
C GLU B 70 -24.59 -0.55 3.60
N GLU B 71 -25.19 -1.73 3.43
CA GLU B 71 -24.87 -2.86 4.29
C GLU B 71 -23.41 -3.27 4.15
N ILE B 72 -22.93 -3.36 2.91
CA ILE B 72 -21.51 -3.59 2.67
C ILE B 72 -20.65 -2.48 3.25
N GLN B 73 -21.06 -1.23 3.03
CA GLN B 73 -20.22 -0.12 3.47
C GLN B 73 -20.16 -0.02 4.98
N GLU B 74 -21.27 -0.33 5.65
CA GLU B 74 -21.28 -0.35 7.11
C GLU B 74 -20.37 -1.43 7.66
N MET B 75 -20.41 -2.64 7.08
CA MET B 75 -19.46 -3.68 7.50
C MET B 75 -18.01 -3.30 7.24
N ALA B 76 -17.73 -2.78 6.04
CA ALA B 76 -16.39 -2.37 5.65
C ALA B 76 -15.79 -1.33 6.62
N GLN B 77 -16.60 -0.35 6.99
CA GLN B 77 -16.14 0.73 7.84
C GLN B 77 -15.96 0.28 9.31
N ASN B 78 -16.83 -0.61 9.78
CA ASN B 78 -16.90 -0.90 11.22
C ASN B 78 -16.54 -2.31 11.67
N LYS B 79 -16.64 -3.30 10.79
CA LYS B 79 -16.39 -4.68 11.16
C LYS B 79 -15.15 -5.30 10.53
N PHE B 80 -14.55 -4.63 9.54
CA PHE B 80 -13.41 -5.19 8.78
C PHE B 80 -12.24 -4.24 8.77
N ILE B 81 -11.05 -4.78 8.52
CA ILE B 81 -9.92 -4.01 8.04
C ILE B 81 -9.97 -4.12 6.53
N MET B 82 -9.76 -3.02 5.81
CA MET B 82 -10.02 -3.01 4.37
C MET B 82 -8.78 -2.65 3.55
N LEU B 83 -8.47 -3.48 2.57
CA LEU B 83 -7.34 -3.27 1.68
C LEU B 83 -7.77 -3.56 0.26
N ASN B 84 -7.37 -2.69 -0.67
CA ASN B 84 -7.56 -2.98 -2.10
C ASN B 84 -6.25 -2.77 -2.85
N LEU B 85 -5.99 -3.66 -3.81
CA LEU B 85 -4.68 -3.81 -4.41
C LEU B 85 -4.84 -4.03 -5.91
N MET B 86 -3.92 -3.45 -6.68
CA MET B 86 -3.85 -3.67 -8.12
C MET B 86 -2.54 -4.32 -8.54
N HIS B 87 -1.78 -4.78 -7.55
CA HIS B 87 -0.55 -5.52 -7.75
C HIS B 87 -0.54 -6.57 -6.66
N GLU B 88 -0.06 -7.77 -6.95
CA GLU B 88 -0.15 -8.89 -5.98
C GLU B 88 0.71 -8.69 -4.73
N THR B 89 0.23 -9.24 -3.62
CA THR B 89 1.01 -9.27 -2.40
C THR B 89 2.08 -10.34 -2.54
N THR B 90 2.88 -10.53 -1.48
CA THR B 90 3.89 -11.60 -1.45
C THR B 90 3.33 -12.90 -0.93
N ASP B 91 2.03 -12.95 -0.63
CA ASP B 91 1.40 -14.15 -0.07
C ASP B 91 0.65 -15.01 -1.08
N LYS B 92 1.20 -16.18 -1.37
CA LYS B 92 0.63 -17.10 -2.35
C LYS B 92 -0.72 -17.64 -1.91
N ASN B 93 -0.97 -17.59 -0.60
CA ASN B 93 -2.23 -18.05 -0.06
C ASN B 93 -3.38 -17.10 -0.40
N LEU B 94 -3.05 -15.89 -0.91
CA LEU B 94 -4.10 -14.99 -1.42
C LEU B 94 -4.44 -15.23 -2.91
N SER B 95 -3.75 -16.18 -3.56
CA SER B 95 -4.06 -16.54 -4.95
C SER B 95 -4.04 -18.06 -5.18
N PRO B 96 -4.74 -18.83 -4.30
CA PRO B 96 -4.59 -20.29 -4.38
C PRO B 96 -5.07 -20.91 -5.68
N ASP B 97 -6.09 -20.30 -6.31
CA ASP B 97 -6.57 -20.73 -7.64
C ASP B 97 -6.40 -19.71 -8.74
N GLY B 98 -5.37 -18.85 -8.63
CA GLY B 98 -5.05 -17.91 -9.69
C GLY B 98 -5.12 -16.44 -9.36
N GLN B 99 -4.52 -15.64 -10.22
CA GLN B 99 -4.40 -14.19 -9.99
C GLN B 99 -5.36 -13.37 -10.85
N TYR B 100 -6.48 -13.98 -11.21
CA TYR B 100 -7.58 -13.26 -11.87
C TYR B 100 -8.14 -12.13 -10.97
N VAL B 101 -8.82 -11.18 -11.60
CA VAL B 101 -9.56 -10.09 -10.94
C VAL B 101 -10.98 -9.95 -11.51
N PRO B 102 -11.90 -9.40 -10.72
CA PRO B 102 -11.72 -9.04 -9.30
C PRO B 102 -11.66 -10.28 -8.44
N ARG B 103 -10.99 -10.15 -7.31
CA ARG B 103 -10.77 -11.28 -6.45
C ARG B 103 -10.77 -10.76 -5.02
N ILE B 104 -11.73 -11.24 -4.23
CA ILE B 104 -11.91 -10.78 -2.84
C ILE B 104 -11.63 -11.95 -1.88
N MET B 105 -10.55 -11.79 -1.11
CA MET B 105 -10.17 -12.78 -0.13
C MET B 105 -10.36 -12.19 1.24
N PHE B 106 -10.70 -13.07 2.18
CA PHE B 106 -10.81 -12.73 3.59
C PHE B 106 -9.70 -13.41 4.39
N VAL B 107 -9.14 -12.66 5.34
CA VAL B 107 -8.12 -13.21 6.21
C VAL B 107 -8.61 -13.09 7.66
N ASP B 108 -8.67 -14.21 8.35
CA ASP B 108 -9.10 -14.23 9.74
C ASP B 108 -8.06 -13.44 10.59
N PRO B 109 -8.48 -12.84 11.73
CA PRO B 109 -7.49 -12.19 12.63
C PRO B 109 -6.38 -13.10 13.13
N SER B 110 -6.59 -14.42 13.04
CA SER B 110 -5.54 -15.40 13.38
C SER B 110 -4.47 -15.46 12.29
N LEU B 111 -4.69 -14.72 11.20
CA LEU B 111 -3.77 -14.60 10.04
C LEU B 111 -3.95 -15.70 8.98
N THR B 112 -4.87 -16.63 9.22
CA THR B 112 -5.21 -17.69 8.27
C THR B 112 -6.20 -17.18 7.23
N VAL B 113 -5.87 -17.42 5.97
CA VAL B 113 -6.70 -17.03 4.85
C VAL B 113 -7.91 -17.93 4.86
N ARG B 114 -9.09 -17.32 4.69
CA ARG B 114 -10.34 -18.01 4.74
C ARG B 114 -10.60 -18.56 3.35
N ALA B 115 -9.98 -19.70 3.07
CA ALA B 115 -10.04 -20.32 1.75
C ALA B 115 -11.41 -20.94 1.54
N ASP B 116 -12.12 -21.14 2.63
CA ASP B 116 -13.44 -21.74 2.61
C ASP B 116 -14.54 -20.75 2.22
N ILE B 117 -14.20 -19.46 2.17
CA ILE B 117 -15.19 -18.43 1.81
C ILE B 117 -15.05 -18.11 0.33
N ALA B 118 -15.93 -18.73 -0.47
CA ALA B 118 -15.87 -18.69 -1.94
C ALA B 118 -17.17 -18.23 -2.56
N GLY B 119 -17.06 -17.77 -3.80
CA GLY B 119 -18.20 -17.32 -4.54
C GLY B 119 -18.79 -18.48 -5.33
N ARG B 120 -19.53 -18.10 -6.37
CA ARG B 120 -20.38 -18.98 -7.14
C ARG B 120 -19.63 -19.80 -8.23
N TYR B 121 -18.39 -19.40 -8.56
CA TYR B 121 -17.62 -20.02 -9.66
C TYR B 121 -16.55 -20.97 -9.14
N SER B 122 -16.75 -22.27 -9.36
CA SER B 122 -15.78 -23.26 -8.88
C SER B 122 -14.37 -23.12 -9.49
N ASN B 123 -14.25 -22.58 -10.69
CA ASN B 123 -12.95 -22.41 -11.34
C ASN B 123 -12.26 -21.06 -11.03
N ARG B 124 -12.98 -20.17 -10.35
CA ARG B 124 -12.52 -18.84 -9.95
C ARG B 124 -13.17 -18.56 -8.59
N LEU B 125 -12.70 -19.28 -7.57
CA LEU B 125 -13.38 -19.34 -6.28
C LEU B 125 -13.64 -18.01 -5.56
N TYR B 126 -12.88 -16.96 -5.88
CA TYR B 126 -12.95 -15.72 -5.10
C TYR B 126 -13.32 -14.50 -5.92
N THR B 127 -13.89 -14.73 -7.11
CA THR B 127 -14.48 -13.66 -7.91
C THR B 127 -16.01 -13.56 -7.70
N TYR B 128 -16.47 -12.32 -7.90
CA TYR B 128 -17.86 -11.95 -7.75
C TYR B 128 -18.22 -11.00 -8.89
N GLU B 129 -19.43 -11.19 -9.42
CA GLU B 129 -20.02 -10.26 -10.38
C GLU B 129 -21.16 -9.55 -9.65
N PRO B 130 -21.75 -8.47 -10.24
CA PRO B 130 -22.80 -7.79 -9.49
C PRO B 130 -23.98 -8.69 -9.12
N ARG B 131 -24.26 -9.69 -9.96
CA ARG B 131 -25.35 -10.64 -9.65
C ARG B 131 -25.07 -11.46 -8.40
N ASP B 132 -23.81 -11.51 -7.97
CA ASP B 132 -23.42 -12.24 -6.75
C ASP B 132 -23.31 -11.34 -5.51
N LEU B 133 -23.80 -10.10 -5.58
CA LEU B 133 -23.65 -9.19 -4.40
C LEU B 133 -24.29 -9.76 -3.12
N PRO B 134 -25.50 -10.36 -3.21
CA PRO B 134 -26.05 -10.99 -2.00
C PRO B 134 -25.15 -12.07 -1.41
N LEU B 135 -24.51 -12.84 -2.27
CA LEU B 135 -23.58 -13.86 -1.82
C LEU B 135 -22.33 -13.23 -1.20
N LEU B 136 -21.84 -12.14 -1.79
CA LEU B 136 -20.71 -11.44 -1.20
C LEU B 136 -21.05 -10.96 0.20
N ILE B 137 -22.24 -10.40 0.36
CA ILE B 137 -22.68 -9.92 1.67
C ILE B 137 -22.73 -11.08 2.69
N GLU B 138 -23.38 -12.17 2.29
CA GLU B 138 -23.41 -13.39 3.08
C GLU B 138 -21.98 -13.88 3.45
N ASN B 139 -21.07 -13.81 2.49
CA ASN B 139 -19.69 -14.23 2.70
C ASN B 139 -18.91 -13.34 3.66
N MET B 140 -19.17 -12.04 3.60
CA MET B 140 -18.62 -11.11 4.58
C MET B 140 -19.07 -11.51 5.99
N LYS B 141 -20.34 -11.89 6.14
CA LYS B 141 -20.87 -12.34 7.43
C LYS B 141 -20.22 -13.63 7.93
N LYS B 142 -19.87 -14.52 7.02
CA LYS B 142 -19.21 -15.78 7.34
C LYS B 142 -17.80 -15.52 7.85
N ALA B 143 -17.15 -14.52 7.25
CA ALA B 143 -15.82 -14.14 7.68
C ALA B 143 -15.83 -13.57 9.12
N LEU B 144 -16.95 -12.97 9.50
CA LEU B 144 -17.11 -12.37 10.82
C LEU B 144 -17.43 -13.45 11.87
N ARG B 145 -17.67 -14.68 11.41
CA ARG B 145 -17.62 -15.84 12.26
C ARG B 145 -16.20 -16.41 12.27
N LEU B 146 -15.46 -15.98 13.28
CA LEU B 146 -14.02 -16.19 13.32
C LEU B 146 -13.70 -17.66 13.49
N ILE B 147 -12.53 -18.06 12.99
CA ILE B 147 -12.01 -19.41 13.20
C ILE B 147 -11.95 -19.82 14.69
N GLN B 148 -11.52 -18.90 15.56
CA GLN B 148 -11.42 -19.17 17.02
C GLN B 148 -12.72 -19.66 17.65
N SER B 149 -13.84 -19.20 17.11
CA SER B 149 -15.17 -19.59 17.58
C SER B 149 -15.48 -21.08 17.42
N GLU B 150 -14.79 -21.75 16.50
CA GLU B 150 -15.02 -23.17 16.20
C GLU B 150 -14.54 -24.12 17.32
#